data_7O9J
#
_entry.id   7O9J
#
_cell.length_a   141.030
_cell.length_b   141.030
_cell.length_c   95.560
_cell.angle_alpha   90.000
_cell.angle_beta   90.000
_cell.angle_gamma   90.000
#
_symmetry.space_group_name_H-M   'P 41 21 2'
#
loop_
_entity.id
_entity.type
_entity.pdbx_description
1 polymer DyPA
2 non-polymer 'PROTOPORPHYRIN IX CONTAINING FE'
3 non-polymer 1,2-ETHANEDIOL
4 non-polymer 'SODIUM ION'
5 non-polymer 'OXYGEN MOLECULE'
6 water water
#
_entity_poly.entity_id   1
_entity_poly.type   'polypeptide(L)'
_entity_poly.pdbx_seq_one_letter_code
;GPLGSMAQSTVLPMHCLYGIFLEGNLKIQKNDQEGLKKFKDNIKKFTLELDEIDKISPQSRIGGAICFSSDIWDTVTKKI
SKPKELKSVNTLSSYMPGTSQRDILIHIISDRMDTCFKLAQDTMRNFGEDQLDIKQEIHGFRRVEERDLTDFIDGTENPD
GDELRTQYGLVAAGQPNEFGSYVFTQRYVHNLKKWYPEPLSVQQDTVGRTKKDSIEIPRDKRPITSHVSRTDLSENGKDL
KIVRQSLPYGQITGEKGLMFIAYACSLHNIEKQLQSMFGQLDGKHDLLLKYTTPVTGSFYFAPSKKELLEL
;
_entity_poly.pdbx_strand_id   A,B
#
# COMPACT_ATOMS: atom_id res chain seq x y z
N MET A 6 21.38 -8.26 -19.67
CA MET A 6 20.69 -8.72 -20.88
C MET A 6 19.23 -9.08 -20.58
N ALA A 7 18.94 -9.41 -19.32
CA ALA A 7 17.58 -9.75 -18.91
C ALA A 7 16.86 -8.49 -18.46
N GLN A 8 15.54 -8.56 -18.44
CA GLN A 8 14.78 -7.55 -17.72
C GLN A 8 15.13 -7.62 -16.23
N SER A 9 14.77 -6.59 -15.47
CA SER A 9 15.47 -6.34 -14.20
C SER A 9 14.69 -6.75 -12.95
N THR A 10 13.78 -7.74 -13.05
CA THR A 10 13.09 -8.25 -11.88
C THR A 10 13.52 -9.66 -11.45
N VAL A 11 14.39 -10.33 -12.20
CA VAL A 11 14.72 -11.71 -11.89
C VAL A 11 15.92 -11.80 -10.96
N LEU A 12 17.03 -11.19 -11.34
CA LEU A 12 18.24 -11.41 -10.58
C LEU A 12 18.29 -10.68 -9.22
N PRO A 13 17.80 -9.45 -9.07
CA PRO A 13 17.96 -8.77 -7.77
C PRO A 13 17.09 -9.39 -6.69
N MET A 14 17.57 -9.28 -5.45
CA MET A 14 16.89 -9.91 -4.32
C MET A 14 16.41 -8.88 -3.31
N HIS A 15 15.45 -9.31 -2.49
CA HIS A 15 15.07 -8.64 -1.23
C HIS A 15 14.41 -7.28 -1.46
N CYS A 16 13.69 -7.09 -2.55
CA CYS A 16 12.92 -5.85 -2.74
C CYS A 16 11.96 -5.64 -1.57
N LEU A 17 11.69 -4.36 -1.27
CA LEU A 17 10.78 -4.04 -0.19
C LEU A 17 9.36 -3.75 -0.65
N TYR A 18 9.18 -3.44 -1.94
CA TYR A 18 7.89 -3.11 -2.52
C TYR A 18 7.79 -3.74 -3.90
N GLY A 19 6.57 -4.12 -4.27
CA GLY A 19 6.34 -4.56 -5.63
C GLY A 19 4.94 -4.20 -6.06
N ILE A 20 4.80 -3.72 -7.29
CA ILE A 20 3.47 -3.44 -7.84
C ILE A 20 3.24 -4.41 -9.00
N PHE A 21 2.06 -5.02 -9.02
CA PHE A 21 1.70 -6.03 -10.00
C PHE A 21 0.48 -5.54 -10.75
N LEU A 22 0.61 -5.40 -12.07
CA LEU A 22 -0.50 -4.97 -12.93
C LEU A 22 -0.73 -6.07 -13.96
N GLU A 23 -1.91 -6.68 -13.95
CA GLU A 23 -2.24 -7.75 -14.89
C GLU A 23 -3.51 -7.38 -15.63
N GLY A 24 -3.51 -7.57 -16.95
CA GLY A 24 -4.73 -7.26 -17.68
C GLY A 24 -4.59 -7.60 -19.15
N ASN A 25 -5.53 -7.08 -19.94
CA ASN A 25 -5.69 -7.54 -21.30
C ASN A 25 -5.40 -6.40 -22.29
N LEU A 26 -4.89 -6.80 -23.45
CA LEU A 26 -4.51 -5.86 -24.49
C LEU A 26 -5.73 -5.55 -25.35
N LYS A 27 -6.03 -4.26 -25.49
CA LYS A 27 -7.21 -3.85 -26.26
C LYS A 27 -6.88 -3.61 -27.73
N ILE A 28 -5.61 -3.65 -28.12
CA ILE A 28 -5.22 -3.43 -29.51
C ILE A 28 -5.41 -4.70 -30.30
N GLN A 29 -6.06 -4.60 -31.46
CA GLN A 29 -6.37 -5.76 -32.28
C GLN A 29 -5.18 -6.14 -33.17
N LYS A 30 -5.19 -7.40 -33.59
CA LYS A 30 -4.01 -8.04 -34.20
C LYS A 30 -3.49 -7.29 -35.42
N ASN A 31 -4.35 -6.61 -36.18
CA ASN A 31 -3.90 -5.94 -37.39
C ASN A 31 -4.17 -4.44 -37.36
N ASP A 32 -4.11 -3.86 -36.15
CA ASP A 32 -4.06 -2.41 -35.97
C ASP A 32 -2.59 -2.04 -35.87
N GLN A 33 -1.96 -1.85 -37.03
CA GLN A 33 -0.50 -1.62 -37.04
C GLN A 33 -0.13 -0.29 -36.41
N GLU A 34 -1.00 0.72 -36.53
CA GLU A 34 -0.72 2.00 -35.88
C GLU A 34 -0.81 1.88 -34.36
N GLY A 35 -1.86 1.22 -33.87
CA GLY A 35 -1.97 1.00 -32.43
C GLY A 35 -0.84 0.15 -31.88
N LEU A 36 -0.41 -0.87 -32.64
CA LEU A 36 0.67 -1.71 -32.17
C LEU A 36 2.00 -0.96 -32.16
N LYS A 37 2.22 -0.06 -33.12
CA LYS A 37 3.42 0.77 -33.08
C LYS A 37 3.41 1.68 -31.85
N LYS A 38 2.25 2.26 -31.52
CA LYS A 38 2.17 3.10 -30.32
C LYS A 38 2.40 2.26 -29.07
N PHE A 39 1.87 1.03 -29.04
CA PHE A 39 2.06 0.13 -27.91
C PHE A 39 3.55 -0.14 -27.69
N LYS A 40 4.28 -0.40 -28.78
CA LYS A 40 5.71 -0.67 -28.66
C LYS A 40 6.49 0.59 -28.29
N ASP A 41 6.04 1.77 -28.71
CA ASP A 41 6.67 3.01 -28.25
CA ASP A 41 6.70 2.99 -28.24
C ASP A 41 6.52 3.15 -26.73
N ASN A 42 5.38 2.74 -26.19
CA ASN A 42 5.17 2.77 -24.74
C ASN A 42 6.03 1.75 -24.02
N ILE A 43 6.30 0.60 -24.64
CA ILE A 43 7.26 -0.35 -24.07
C ILE A 43 8.65 0.29 -24.00
N LYS A 44 9.05 0.98 -25.07
CA LYS A 44 10.34 1.67 -25.05
C LYS A 44 10.41 2.69 -23.93
N LYS A 45 9.36 3.49 -23.76
CA LYS A 45 9.34 4.48 -22.68
C LYS A 45 9.52 3.84 -21.32
N PHE A 46 8.95 2.65 -21.12
CA PHE A 46 9.11 1.94 -19.86
C PHE A 46 10.57 1.61 -19.59
N THR A 47 11.27 1.06 -20.59
CA THR A 47 12.68 0.72 -20.39
C THR A 47 13.52 1.96 -20.16
N LEU A 48 13.18 3.07 -20.80
CA LEU A 48 13.93 4.32 -20.60
C LEU A 48 13.67 4.90 -19.22
N GLU A 49 12.43 4.82 -18.74
CA GLU A 49 12.15 5.38 -17.43
C GLU A 49 12.78 4.56 -16.31
N LEU A 50 12.86 3.23 -16.46
CA LEU A 50 13.62 2.41 -15.51
C LEU A 50 15.04 2.93 -15.38
N ASP A 51 15.70 3.18 -16.52
CA ASP A 51 17.06 3.69 -16.48
C ASP A 51 17.13 5.05 -15.81
N GLU A 52 16.16 5.92 -16.09
CA GLU A 52 16.20 7.26 -15.52
C GLU A 52 15.97 7.23 -14.01
N ILE A 53 15.06 6.40 -13.53
CA ILE A 53 14.86 6.28 -12.09
C ILE A 53 16.10 5.69 -11.43
N ASP A 54 16.73 4.71 -12.08
CA ASP A 54 17.94 4.11 -11.51
C ASP A 54 19.05 5.16 -11.33
N LYS A 55 19.19 6.07 -12.30
CA LYS A 55 20.22 7.09 -12.19
C LYS A 55 19.93 8.09 -11.09
N ILE A 56 18.66 8.47 -10.92
CA ILE A 56 18.31 9.52 -9.96
C ILE A 56 18.12 8.95 -8.55
N SER A 57 17.73 7.68 -8.43
CA SER A 57 17.43 7.06 -7.14
C SER A 57 18.09 5.70 -7.06
N PRO A 58 19.42 5.65 -7.01
CA PRO A 58 20.09 4.34 -6.87
C PRO A 58 19.67 3.57 -5.63
N GLN A 59 19.32 4.28 -4.56
CA GLN A 59 18.85 3.66 -3.33
C GLN A 59 17.53 2.89 -3.53
N SER A 60 16.78 3.19 -4.59
CA SER A 60 15.56 2.42 -4.85
C SER A 60 15.84 0.99 -5.31
N ARG A 61 17.01 0.72 -5.89
CA ARG A 61 17.26 -0.58 -6.54
C ARG A 61 16.08 -0.97 -7.43
N ILE A 62 15.66 -0.03 -8.29
CA ILE A 62 14.45 -0.19 -9.07
C ILE A 62 14.61 -1.36 -10.06
N GLY A 63 13.49 -2.02 -10.36
CA GLY A 63 13.49 -3.06 -11.37
C GLY A 63 12.11 -3.16 -11.99
N GLY A 64 12.04 -3.66 -13.23
CA GLY A 64 10.76 -3.76 -13.90
C GLY A 64 10.79 -4.74 -15.05
N ALA A 65 9.63 -5.36 -15.32
CA ALA A 65 9.51 -6.26 -16.46
C ALA A 65 8.10 -6.19 -17.03
N ILE A 66 8.01 -6.27 -18.36
CA ILE A 66 6.75 -6.46 -19.08
C ILE A 66 6.76 -7.87 -19.66
N CYS A 67 5.66 -8.59 -19.47
CA CYS A 67 5.59 -10.01 -19.79
C CYS A 67 4.30 -10.29 -20.55
N PHE A 68 4.33 -11.33 -21.40
CA PHE A 68 3.28 -11.59 -22.37
C PHE A 68 2.79 -13.04 -22.28
N SER A 69 1.48 -13.24 -22.48
CA SER A 69 0.89 -14.57 -22.46
C SER A 69 1.05 -15.26 -23.82
N SER A 70 0.83 -16.58 -23.81
CA SER A 70 0.85 -17.31 -25.09
C SER A 70 -0.29 -16.87 -26.01
N ASP A 71 -1.44 -16.49 -25.45
CA ASP A 71 -2.56 -16.14 -26.30
C ASP A 71 -2.36 -14.81 -27.01
N ILE A 72 -1.60 -13.90 -26.41
CA ILE A 72 -1.37 -12.59 -27.00
C ILE A 72 -0.08 -12.53 -27.81
N TRP A 73 0.75 -13.56 -27.77
CA TRP A 73 2.09 -13.48 -28.35
C TRP A 73 2.06 -13.10 -29.83
N ASP A 74 1.24 -13.77 -30.63
CA ASP A 74 1.19 -13.50 -32.07
CA ASP A 74 1.28 -13.45 -32.06
C ASP A 74 0.50 -12.19 -32.40
N THR A 75 -0.14 -11.54 -31.43
CA THR A 75 -0.67 -10.19 -31.66
C THR A 75 0.44 -9.17 -31.53
N VAL A 76 1.34 -9.36 -30.56
CA VAL A 76 2.37 -8.37 -30.26
CA VAL A 76 2.36 -8.35 -30.30
C VAL A 76 3.60 -8.53 -31.17
N THR A 77 3.84 -9.72 -31.72
CA THR A 77 5.02 -9.83 -32.57
C THR A 77 4.82 -10.82 -33.71
N LYS A 78 5.33 -10.47 -34.89
CA LYS A 78 5.50 -11.39 -35.99
C LYS A 78 6.94 -11.83 -36.18
N LYS A 79 7.86 -11.35 -35.34
CA LYS A 79 9.30 -11.52 -35.54
C LYS A 79 9.94 -12.49 -34.56
N ILE A 80 9.52 -12.49 -33.30
CA ILE A 80 10.12 -13.30 -32.26
C ILE A 80 9.34 -14.59 -32.13
N SER A 81 10.04 -15.72 -32.16
CA SER A 81 9.37 -17.01 -32.03
C SER A 81 8.78 -17.16 -30.63
N LYS A 82 7.61 -17.79 -30.56
CA LYS A 82 6.93 -17.97 -29.28
C LYS A 82 7.70 -18.95 -28.42
N PRO A 83 7.91 -18.66 -27.14
CA PRO A 83 8.67 -19.56 -26.28
C PRO A 83 8.04 -20.94 -26.23
N LYS A 84 8.91 -21.95 -26.30
CA LYS A 84 8.49 -23.32 -26.59
C LYS A 84 7.49 -23.87 -25.56
N GLU A 85 7.62 -23.48 -24.30
CA GLU A 85 6.76 -24.03 -23.26
C GLU A 85 5.58 -23.14 -22.90
N LEU A 86 5.44 -21.97 -23.51
CA LEU A 86 4.44 -21.03 -23.05
C LEU A 86 3.03 -21.50 -23.42
N LYS A 87 2.12 -21.45 -22.43
CA LYS A 87 0.73 -21.85 -22.62
C LYS A 87 -0.12 -21.10 -21.62
N SER A 88 -1.44 -21.21 -21.77
CA SER A 88 -2.32 -20.52 -20.84
C SER A 88 -2.46 -21.32 -19.54
N VAL A 89 -2.47 -20.61 -18.41
CA VAL A 89 -2.65 -21.30 -17.13
C VAL A 89 -4.05 -21.87 -17.00
N ASN A 90 -5.00 -21.41 -17.82
CA ASN A 90 -6.36 -21.93 -17.70
C ASN A 90 -6.41 -23.42 -18.03
N THR A 91 -5.36 -23.96 -18.67
CA THR A 91 -5.31 -25.39 -18.91
C THR A 91 -5.10 -26.20 -17.63
N LEU A 92 -4.88 -25.54 -16.48
CA LEU A 92 -4.78 -26.21 -15.20
C LEU A 92 -6.08 -26.14 -14.40
N SER A 93 -7.14 -25.58 -14.98
CA SER A 93 -8.34 -25.29 -14.20
C SER A 93 -9.04 -26.55 -13.71
N SER A 94 -8.77 -27.71 -14.32
CA SER A 94 -9.41 -28.93 -13.84
C SER A 94 -8.96 -29.32 -12.44
N TYR A 95 -7.78 -28.88 -11.99
CA TYR A 95 -7.29 -29.27 -10.68
C TYR A 95 -6.79 -28.12 -9.83
N MET A 96 -6.54 -26.95 -10.41
CA MET A 96 -6.03 -25.81 -9.64
C MET A 96 -7.06 -24.69 -9.67
N PRO A 97 -7.60 -24.26 -8.54
CA PRO A 97 -8.60 -23.19 -8.56
C PRO A 97 -7.98 -21.83 -8.81
N GLY A 98 -8.83 -20.89 -9.20
CA GLY A 98 -8.42 -19.51 -9.30
C GLY A 98 -7.73 -19.10 -10.58
N THR A 99 -7.69 -19.94 -11.62
CA THR A 99 -6.98 -19.54 -12.83
C THR A 99 -7.71 -18.38 -13.50
N SER A 100 -6.92 -17.44 -14.05
CA SER A 100 -7.48 -16.23 -14.64
C SER A 100 -6.50 -15.63 -15.65
N GLN A 101 -6.13 -16.42 -16.67
CA GLN A 101 -5.09 -16.00 -17.60
C GLN A 101 -5.38 -14.64 -18.20
N ARG A 102 -4.42 -13.71 -18.07
CA ARG A 102 -4.48 -12.39 -18.69
C ARG A 102 -3.40 -12.28 -19.76
N ASP A 103 -3.50 -11.22 -20.58
CA ASP A 103 -2.57 -11.05 -21.68
C ASP A 103 -1.20 -10.52 -21.23
N ILE A 104 -1.17 -9.60 -20.28
CA ILE A 104 0.00 -8.78 -19.99
CA ILE A 104 0.02 -8.81 -19.99
C ILE A 104 0.21 -8.68 -18.48
N LEU A 105 1.47 -8.79 -18.06
CA LEU A 105 1.90 -8.49 -16.68
C LEU A 105 2.94 -7.39 -16.72
N ILE A 106 2.74 -6.35 -15.89
CA ILE A 106 3.79 -5.39 -15.57
C ILE A 106 4.12 -5.59 -14.09
N HIS A 107 5.37 -5.95 -13.82
CA HIS A 107 5.87 -6.19 -12.46
C HIS A 107 6.99 -5.19 -12.18
N ILE A 108 6.83 -4.37 -11.15
CA ILE A 108 7.80 -3.35 -10.79
C ILE A 108 8.22 -3.55 -9.34
N ILE A 109 9.53 -3.48 -9.08
CA ILE A 109 10.05 -3.70 -7.73
C ILE A 109 10.89 -2.50 -7.31
N SER A 110 10.91 -2.24 -6.01
CA SER A 110 11.66 -1.09 -5.52
C SER A 110 11.92 -1.28 -4.03
N ASP A 111 12.92 -0.57 -3.51
CA ASP A 111 13.06 -0.45 -2.06
C ASP A 111 12.36 0.80 -1.51
N ARG A 112 11.68 1.56 -2.36
CA ARG A 112 10.88 2.72 -1.93
C ARG A 112 9.54 2.66 -2.64
N MET A 113 8.45 2.87 -1.90
CA MET A 113 7.14 2.91 -2.58
C MET A 113 7.03 4.11 -3.51
N ASP A 114 7.66 5.24 -3.20
CA ASP A 114 7.39 6.41 -4.04
C ASP A 114 7.91 6.19 -5.46
N THR A 115 9.08 5.57 -5.62
CA THR A 115 9.56 5.30 -6.97
C THR A 115 8.87 4.09 -7.61
N CYS A 116 8.48 3.09 -6.80
CA CYS A 116 7.67 1.99 -7.32
C CYS A 116 6.39 2.54 -7.95
N PHE A 117 5.70 3.40 -7.21
CA PHE A 117 4.42 3.94 -7.68
C PHE A 117 4.60 4.89 -8.85
N LYS A 118 5.66 5.72 -8.84
CA LYS A 118 5.89 6.63 -9.95
C LYS A 118 6.04 5.87 -11.27
N LEU A 119 6.86 4.82 -11.27
CA LEU A 119 7.03 4.08 -12.51
C LEU A 119 5.74 3.38 -12.93
N ALA A 120 5.02 2.79 -11.97
CA ALA A 120 3.77 2.09 -12.28
C ALA A 120 2.74 3.08 -12.83
N GLN A 121 2.61 4.24 -12.18
CA GLN A 121 1.61 5.22 -12.60
C GLN A 121 1.98 5.84 -13.95
N ASP A 122 3.26 6.22 -14.14
CA ASP A 122 3.66 6.82 -15.40
C ASP A 122 3.43 5.84 -16.55
N THR A 123 3.73 4.56 -16.31
CA THR A 123 3.57 3.54 -17.33
C THR A 123 2.10 3.36 -17.69
N MET A 124 1.23 3.28 -16.68
CA MET A 124 -0.20 3.12 -16.98
C MET A 124 -0.75 4.34 -17.70
N ARG A 125 -0.28 5.54 -17.35
CA ARG A 125 -0.74 6.71 -18.09
C ARG A 125 -0.23 6.71 -19.52
N ASN A 126 0.98 6.19 -19.77
CA ASN A 126 1.48 6.11 -21.14
C ASN A 126 0.64 5.14 -21.98
N PHE A 127 0.47 3.91 -21.51
CA PHE A 127 -0.33 2.93 -22.25
C PHE A 127 -1.78 3.40 -22.37
N GLY A 128 -2.36 3.82 -21.25
CA GLY A 128 -3.70 4.37 -21.25
C GLY A 128 -4.77 3.30 -21.30
N GLU A 129 -5.99 3.74 -20.97
CA GLU A 129 -7.14 2.84 -21.01
C GLU A 129 -7.53 2.43 -22.42
N ASP A 130 -7.00 3.11 -23.45
CA ASP A 130 -7.27 2.67 -24.81
C ASP A 130 -6.41 1.48 -25.22
N GLN A 131 -5.36 1.17 -24.49
CA GLN A 131 -4.50 0.04 -24.85
C GLN A 131 -4.57 -1.11 -23.85
N LEU A 132 -4.72 -0.83 -22.55
CA LEU A 132 -4.71 -1.88 -21.53
C LEU A 132 -5.99 -1.86 -20.71
N ASP A 133 -6.55 -3.04 -20.47
CA ASP A 133 -7.68 -3.24 -19.57
C ASP A 133 -7.17 -4.00 -18.34
N ILE A 134 -6.82 -3.27 -17.29
CA ILE A 134 -6.20 -3.88 -16.13
C ILE A 134 -7.26 -4.57 -15.28
N LYS A 135 -7.02 -5.84 -14.98
CA LYS A 135 -7.93 -6.66 -14.19
C LYS A 135 -7.51 -6.78 -12.73
N GLN A 136 -6.22 -6.62 -12.45
CA GLN A 136 -5.72 -6.75 -11.09
C GLN A 136 -4.56 -5.77 -10.90
N GLU A 137 -4.60 -5.02 -9.80
CA GLU A 137 -3.50 -4.15 -9.39
C GLU A 137 -3.23 -4.46 -7.93
N ILE A 138 -2.03 -4.96 -7.62
CA ILE A 138 -1.69 -5.33 -6.25
C ILE A 138 -0.47 -4.54 -5.80
N HIS A 139 -0.55 -3.96 -4.60
CA HIS A 139 0.58 -3.28 -3.97
C HIS A 139 1.17 -4.22 -2.93
N GLY A 140 2.26 -4.90 -3.29
CA GLY A 140 2.93 -5.79 -2.34
C GLY A 140 3.97 -5.05 -1.51
N PHE A 141 4.19 -5.52 -0.28
CA PHE A 141 5.19 -4.92 0.58
C PHE A 141 5.85 -6.00 1.43
N ARG A 142 7.16 -5.88 1.63
CA ARG A 142 7.86 -6.78 2.54
C ARG A 142 7.51 -6.46 3.98
N ARG A 143 7.37 -7.50 4.79
CA ARG A 143 7.12 -7.34 6.22
C ARG A 143 8.43 -7.53 7.01
N VAL A 144 8.35 -7.20 8.30
CA VAL A 144 9.50 -7.36 9.18
C VAL A 144 10.01 -8.80 9.13
N GLU A 145 11.33 -8.94 9.03
CA GLU A 145 12.04 -10.23 8.96
C GLU A 145 11.66 -11.05 7.72
N GLU A 146 11.08 -10.38 6.72
CA GLU A 146 10.69 -11.01 5.45
C GLU A 146 9.71 -12.15 5.66
N ARG A 147 8.83 -12.02 6.65
CA ARG A 147 7.90 -13.09 6.96
C ARG A 147 6.61 -12.94 6.15
N ASP A 148 6.15 -14.06 5.60
CA ASP A 148 4.79 -14.14 5.06
C ASP A 148 3.80 -13.93 6.21
N LEU A 149 2.54 -13.64 5.87
CA LEU A 149 1.54 -13.42 6.93
C LEU A 149 1.26 -14.66 7.78
N THR A 150 1.67 -15.87 7.36
CA THR A 150 1.72 -17.00 8.28
C THR A 150 2.74 -16.81 9.39
N ASP A 151 3.59 -15.80 9.25
CA ASP A 151 4.67 -15.43 10.16
C ASP A 151 5.83 -16.42 10.10
N PHE A 152 5.91 -17.19 8.99
CA PHE A 152 7.12 -17.90 8.61
C PHE A 152 7.95 -17.06 7.64
N ILE A 153 9.27 -17.10 7.78
CA ILE A 153 10.16 -16.46 6.82
C ILE A 153 9.93 -17.06 5.44
N ASP A 154 9.76 -16.21 4.43
CA ASP A 154 9.58 -16.64 3.04
C ASP A 154 10.81 -16.24 2.25
N GLY A 155 11.53 -17.22 1.71
CA GLY A 155 12.67 -16.94 0.85
C GLY A 155 13.94 -17.72 1.17
N THR A 156 13.93 -18.47 2.27
CA THR A 156 15.15 -19.09 2.79
C THR A 156 15.90 -19.88 1.71
N GLU A 157 15.19 -20.70 0.94
CA GLU A 157 15.84 -21.54 -0.07
C GLU A 157 15.76 -20.97 -1.49
N ASN A 158 15.36 -19.72 -1.65
CA ASN A 158 15.49 -19.05 -2.93
C ASN A 158 16.95 -19.10 -3.39
N PRO A 159 17.23 -19.38 -4.65
CA PRO A 159 18.61 -19.34 -5.13
C PRO A 159 19.23 -17.97 -4.87
N ASP A 160 20.51 -17.98 -4.48
CA ASP A 160 21.24 -16.75 -4.13
C ASP A 160 22.26 -16.40 -5.19
N GLY A 161 22.34 -15.12 -5.55
CA GLY A 161 23.43 -14.63 -6.38
C GLY A 161 23.14 -14.72 -7.87
N ASP A 162 23.88 -13.91 -8.64
CA ASP A 162 23.60 -13.79 -10.07
C ASP A 162 23.82 -15.11 -10.80
N GLU A 163 24.81 -15.90 -10.38
CA GLU A 163 25.12 -17.14 -11.10
C GLU A 163 23.97 -18.13 -11.01
N LEU A 164 23.52 -18.43 -9.79
CA LEU A 164 22.46 -19.43 -9.64
C LEU A 164 21.11 -18.90 -10.11
N ARG A 165 20.86 -17.60 -9.93
CA ARG A 165 19.58 -17.08 -10.34
C ARG A 165 19.50 -16.97 -11.86
N THR A 166 20.65 -16.81 -12.52
CA THR A 166 20.68 -16.91 -13.98
C THR A 166 20.40 -18.35 -14.41
N GLN A 167 21.03 -19.32 -13.74
CA GLN A 167 20.88 -20.73 -14.10
C GLN A 167 19.43 -21.17 -13.98
N TYR A 168 18.75 -20.81 -12.88
CA TYR A 168 17.40 -21.29 -12.65
C TYR A 168 16.31 -20.31 -13.06
N GLY A 169 16.64 -19.04 -13.28
CA GLY A 169 15.61 -18.05 -13.53
C GLY A 169 15.50 -17.57 -14.96
N LEU A 170 16.53 -17.82 -15.78
CA LEU A 170 16.58 -17.30 -17.15
C LEU A 170 16.85 -18.42 -18.15
N VAL A 171 16.26 -18.28 -19.34
CA VAL A 171 16.54 -19.22 -20.42
C VAL A 171 18.02 -19.20 -20.74
N ALA A 172 18.60 -20.38 -20.93
CA ALA A 172 20.05 -20.51 -21.06
C ALA A 172 20.57 -19.80 -22.30
N ALA A 173 21.78 -19.26 -22.20
CA ALA A 173 22.44 -18.68 -23.35
C ALA A 173 22.53 -19.70 -24.47
N GLY A 174 22.31 -19.25 -25.69
CA GLY A 174 22.35 -20.12 -26.85
C GLY A 174 21.03 -20.75 -27.24
N GLN A 175 20.06 -20.74 -26.34
CA GLN A 175 18.74 -21.29 -26.65
C GLN A 175 17.87 -20.21 -27.26
N PRO A 176 16.80 -20.61 -27.98
CA PRO A 176 15.81 -19.63 -28.40
C PRO A 176 15.28 -18.84 -27.21
N ASN A 177 15.12 -17.53 -27.41
CA ASN A 177 14.63 -16.61 -26.35
C ASN A 177 15.56 -16.58 -25.14
N GLU A 178 16.86 -16.76 -25.36
CA GLU A 178 17.84 -16.68 -24.28
C GLU A 178 17.66 -15.40 -23.46
N PHE A 179 17.83 -15.54 -22.14
CA PHE A 179 17.78 -14.47 -21.13
C PHE A 179 16.39 -13.90 -20.92
N GLY A 180 15.35 -14.52 -21.47
CA GLY A 180 14.01 -14.33 -20.99
C GLY A 180 13.68 -15.28 -19.84
N SER A 181 12.46 -15.15 -19.31
CA SER A 181 12.03 -15.95 -18.18
CA SER A 181 12.03 -15.93 -18.15
C SER A 181 10.56 -16.32 -18.31
N TYR A 182 10.24 -17.57 -17.97
CA TYR A 182 8.84 -17.95 -17.76
C TYR A 182 8.37 -17.42 -16.40
N VAL A 183 7.15 -16.89 -16.35
CA VAL A 183 6.60 -16.21 -15.17
C VAL A 183 5.27 -16.84 -14.79
N PHE A 184 5.04 -17.00 -13.49
CA PHE A 184 3.75 -17.45 -12.98
C PHE A 184 3.36 -16.52 -11.84
N THR A 185 2.15 -15.97 -11.91
CA THR A 185 1.59 -15.16 -10.83
C THR A 185 0.36 -15.83 -10.26
N GLN A 186 0.16 -15.68 -8.96
CA GLN A 186 -0.98 -16.32 -8.30
C GLN A 186 -1.25 -15.59 -6.99
N ARG A 187 -2.40 -14.93 -6.88
CA ARG A 187 -2.75 -14.24 -5.65
C ARG A 187 -3.45 -15.18 -4.69
N TYR A 188 -2.93 -15.28 -3.46
CA TYR A 188 -3.49 -16.11 -2.40
C TYR A 188 -4.22 -15.23 -1.39
N VAL A 189 -5.35 -15.73 -0.90
CA VAL A 189 -6.06 -15.12 0.23
C VAL A 189 -5.87 -16.05 1.44
N HIS A 190 -5.23 -15.54 2.49
CA HIS A 190 -4.97 -16.32 3.68
C HIS A 190 -6.18 -16.36 4.61
N ASN A 191 -6.38 -17.49 5.27
CA ASN A 191 -7.39 -17.63 6.33
C ASN A 191 -6.65 -17.70 7.66
N LEU A 192 -6.23 -16.53 8.14
CA LEU A 192 -5.39 -16.51 9.33
C LEU A 192 -6.18 -16.86 10.59
N LYS A 193 -7.50 -16.68 10.57
CA LYS A 193 -8.31 -17.13 11.71
C LYS A 193 -8.15 -18.62 11.95
N LYS A 194 -8.00 -19.40 10.88
CA LYS A 194 -7.81 -20.83 10.99
C LYS A 194 -6.36 -21.20 11.33
N TRP A 195 -5.40 -20.38 10.90
CA TRP A 195 -3.98 -20.67 11.07
C TRP A 195 -3.48 -20.33 12.47
N TYR A 196 -3.78 -19.12 12.95
CA TYR A 196 -3.26 -18.64 14.22
C TYR A 196 -3.46 -19.60 15.39
N PRO A 197 -4.61 -20.29 15.53
CA PRO A 197 -4.78 -21.18 16.68
C PRO A 197 -4.02 -22.50 16.60
N GLU A 198 -3.43 -22.84 15.46
CA GLU A 198 -2.74 -24.10 15.36
C GLU A 198 -1.50 -24.10 16.24
N PRO A 199 -1.21 -25.21 16.93
CA PRO A 199 0.03 -25.29 17.70
C PRO A 199 1.25 -25.15 16.80
N LEU A 200 2.35 -24.69 17.41
CA LEU A 200 3.59 -24.55 16.65
C LEU A 200 3.97 -25.86 15.96
N SER A 201 3.73 -27.00 16.62
CA SER A 201 4.08 -28.27 16.00
C SER A 201 3.30 -28.50 14.70
N VAL A 202 2.03 -28.10 14.68
CA VAL A 202 1.22 -28.25 13.47
C VAL A 202 1.68 -27.27 12.39
N GLN A 203 1.98 -26.02 12.77
CA GLN A 203 2.41 -25.03 11.80
C GLN A 203 3.72 -25.43 11.15
N GLN A 204 4.66 -25.96 11.94
CA GLN A 204 5.96 -26.36 11.42
C GLN A 204 5.85 -27.62 10.56
N ASP A 205 4.97 -28.56 10.95
CA ASP A 205 4.69 -29.70 10.09
C ASP A 205 4.11 -29.26 8.75
N THR A 206 3.26 -28.23 8.77
CA THR A 206 2.61 -27.74 7.55
C THR A 206 3.63 -27.15 6.58
N VAL A 207 4.55 -26.32 7.09
CA VAL A 207 5.51 -25.65 6.22
C VAL A 207 6.69 -26.57 5.91
N GLY A 208 7.25 -27.21 6.94
CA GLY A 208 8.41 -28.06 6.80
C GLY A 208 9.71 -27.44 7.29
N ARG A 209 9.65 -26.28 7.95
CA ARG A 209 10.79 -25.61 8.54
C ARG A 209 10.38 -25.08 9.90
N THR A 210 11.34 -24.73 10.74
CA THR A 210 11.00 -24.13 12.03
C THR A 210 10.57 -22.68 11.83
N LYS A 211 9.69 -22.21 12.73
CA LYS A 211 9.09 -20.89 12.56
C LYS A 211 10.08 -19.79 12.88
N LYS A 212 10.81 -19.90 14.01
CA LYS A 212 11.62 -18.77 14.45
C LYS A 212 12.79 -18.53 13.51
N ASP A 213 13.51 -19.59 13.12
CA ASP A 213 14.75 -19.43 12.38
C ASP A 213 14.75 -20.06 10.98
N SER A 214 13.65 -20.68 10.55
CA SER A 214 13.55 -21.29 9.23
C SER A 214 14.59 -22.39 9.03
N ILE A 215 14.82 -23.19 10.07
CA ILE A 215 15.67 -24.36 9.97
C ILE A 215 14.87 -25.50 9.35
N GLU A 216 15.44 -26.15 8.34
CA GLU A 216 14.71 -27.23 7.67
C GLU A 216 14.47 -28.39 8.62
N ILE A 217 13.26 -28.89 8.62
CA ILE A 217 12.94 -30.12 9.36
C ILE A 217 13.33 -31.30 8.48
N PRO A 218 14.08 -32.28 9.00
CA PRO A 218 14.54 -33.38 8.15
C PRO A 218 13.39 -34.04 7.40
N ARG A 219 13.67 -34.41 6.15
CA ARG A 219 12.64 -34.96 5.26
C ARG A 219 11.89 -36.13 5.88
N ASP A 220 12.60 -36.99 6.62
CA ASP A 220 11.95 -38.15 7.23
C ASP A 220 11.16 -37.80 8.48
N LYS A 221 11.21 -36.56 8.97
CA LYS A 221 10.46 -36.18 10.17
C LYS A 221 9.32 -35.23 9.88
N ARG A 222 9.06 -34.92 8.61
CA ARG A 222 7.94 -34.06 8.25
C ARG A 222 7.06 -34.79 7.23
N PRO A 223 5.79 -34.44 7.15
CA PRO A 223 4.90 -35.13 6.21
C PRO A 223 5.33 -34.88 4.77
N ILE A 224 5.02 -35.84 3.89
CA ILE A 224 5.31 -35.63 2.47
C ILE A 224 4.44 -34.54 1.88
N THR A 225 3.36 -34.16 2.57
CA THR A 225 2.50 -33.07 2.15
C THR A 225 2.89 -31.74 2.79
N SER A 226 3.95 -31.70 3.60
CA SER A 226 4.48 -30.41 4.02
C SER A 226 4.85 -29.58 2.79
N HIS A 227 4.80 -28.25 2.95
CA HIS A 227 5.02 -27.40 1.78
C HIS A 227 6.40 -27.62 1.16
N VAL A 228 7.44 -27.73 2.00
CA VAL A 228 8.78 -27.97 1.48
C VAL A 228 8.86 -29.32 0.76
N SER A 229 8.22 -30.36 1.31
CA SER A 229 8.21 -31.65 0.61
C SER A 229 7.46 -31.59 -0.71
N ARG A 230 6.44 -30.72 -0.80
CA ARG A 230 5.70 -30.59 -2.06
C ARG A 230 6.49 -29.85 -3.12
N THR A 231 7.38 -28.92 -2.74
CA THR A 231 7.99 -28.01 -3.71
C THR A 231 9.48 -28.24 -3.95
N ASP A 232 10.17 -28.99 -3.09
CA ASP A 232 11.58 -29.30 -3.29
C ASP A 232 11.68 -30.57 -4.12
N LEU A 233 11.63 -30.40 -5.45
CA LEU A 233 11.47 -31.51 -6.39
C LEU A 233 12.69 -31.64 -7.30
N SER A 234 12.93 -32.88 -7.74
CA SER A 234 14.03 -33.22 -8.65
C SER A 234 13.50 -34.05 -9.80
N GLU A 235 14.20 -33.97 -10.93
CA GLU A 235 13.95 -34.81 -12.09
C GLU A 235 15.29 -35.23 -12.66
N ASN A 236 15.50 -36.54 -12.83
CA ASN A 236 16.75 -37.05 -13.38
C ASN A 236 17.95 -36.55 -12.59
N GLY A 237 17.80 -36.48 -11.27
CA GLY A 237 18.87 -36.00 -10.41
C GLY A 237 19.12 -34.50 -10.46
N LYS A 238 18.28 -33.73 -11.14
CA LYS A 238 18.44 -32.28 -11.23
C LYS A 238 17.31 -31.59 -10.48
N ASP A 239 17.66 -30.62 -9.65
CA ASP A 239 16.67 -29.88 -8.87
C ASP A 239 15.87 -28.93 -9.76
N LEU A 240 14.55 -28.91 -9.57
CA LEU A 240 13.66 -28.05 -10.34
C LEU A 240 13.46 -26.70 -9.64
N LYS A 241 14.55 -25.96 -9.50
CA LYS A 241 14.49 -24.73 -8.72
C LYS A 241 13.87 -23.58 -9.52
N ILE A 242 13.33 -22.60 -8.79
CA ILE A 242 12.70 -21.43 -9.39
C ILE A 242 13.14 -20.22 -8.58
N VAL A 243 12.87 -19.03 -9.12
CA VAL A 243 13.23 -17.77 -8.48
C VAL A 243 11.95 -17.06 -8.08
N ARG A 244 11.69 -16.94 -6.77
CA ARG A 244 10.44 -16.35 -6.29
C ARG A 244 10.66 -14.89 -5.91
N GLN A 245 9.69 -14.04 -6.27
CA GLN A 245 9.70 -12.62 -5.90
C GLN A 245 8.40 -12.23 -5.18
N SER A 246 7.75 -13.19 -4.54
CA SER A 246 6.45 -12.96 -3.90
C SER A 246 6.53 -11.97 -2.75
N LEU A 247 5.43 -11.26 -2.51
CA LEU A 247 5.33 -10.31 -1.40
C LEU A 247 3.97 -10.38 -0.74
N PRO A 248 3.89 -10.15 0.57
CA PRO A 248 2.59 -9.95 1.23
C PRO A 248 1.84 -8.77 0.63
N TYR A 249 0.51 -8.79 0.80
CA TYR A 249 -0.34 -7.66 0.43
C TYR A 249 -1.58 -7.69 1.31
N GLY A 250 -2.30 -6.57 1.35
CA GLY A 250 -3.68 -6.58 1.81
C GLY A 250 -3.94 -5.76 3.05
N GLN A 251 -5.16 -5.91 3.56
CA GLN A 251 -5.70 -5.14 4.67
C GLN A 251 -5.68 -5.95 5.95
N ILE A 252 -5.20 -5.34 7.03
CA ILE A 252 -5.23 -5.99 8.35
C ILE A 252 -6.64 -6.41 8.72
N THR A 253 -7.62 -5.53 8.49
CA THR A 253 -9.00 -5.75 8.86
C THR A 253 -9.85 -6.28 7.71
N GLY A 254 -9.21 -6.76 6.64
CA GLY A 254 -9.94 -7.25 5.48
C GLY A 254 -9.21 -8.39 4.81
N GLU A 255 -9.23 -8.40 3.49
CA GLU A 255 -8.62 -9.48 2.72
C GLU A 255 -7.10 -9.26 2.61
N LYS A 256 -6.33 -10.32 2.89
CA LYS A 256 -4.88 -10.22 2.84
C LYS A 256 -4.30 -11.59 2.51
N GLY A 257 -3.04 -11.60 2.08
CA GLY A 257 -2.42 -12.86 1.75
C GLY A 257 -1.03 -12.69 1.15
N LEU A 258 -0.70 -13.54 0.18
CA LEU A 258 0.58 -13.52 -0.50
C LEU A 258 0.33 -13.31 -1.98
N MET A 259 1.00 -12.32 -2.56
CA MET A 259 1.01 -12.20 -4.02
C MET A 259 2.20 -13.02 -4.51
N PHE A 260 1.93 -14.25 -4.97
CA PHE A 260 2.99 -15.16 -5.40
C PHE A 260 3.44 -14.82 -6.82
N ILE A 261 4.75 -14.81 -7.04
CA ILE A 261 5.28 -14.72 -8.40
C ILE A 261 6.58 -15.50 -8.45
N ALA A 262 6.75 -16.28 -9.51
CA ALA A 262 7.97 -17.04 -9.74
C ALA A 262 8.46 -16.81 -11.16
N TYR A 263 9.78 -16.74 -11.31
CA TYR A 263 10.47 -16.65 -12.59
C TYR A 263 11.29 -17.91 -12.76
N ALA A 264 11.34 -18.47 -13.97
CA ALA A 264 12.02 -19.74 -14.16
C ALA A 264 12.59 -19.87 -15.55
N CYS A 265 13.71 -20.61 -15.64
CA CYS A 265 14.34 -20.94 -16.92
C CYS A 265 13.45 -21.84 -17.77
N SER A 266 12.52 -22.56 -17.13
CA SER A 266 11.67 -23.51 -17.82
C SER A 266 10.33 -23.52 -17.11
N LEU A 267 9.24 -23.42 -17.88
CA LEU A 267 7.92 -23.42 -17.25
C LEU A 267 7.65 -24.72 -16.52
N HIS A 268 8.25 -25.83 -17.00
CA HIS A 268 8.08 -27.13 -16.34
C HIS A 268 8.50 -27.10 -14.86
N ASN A 269 9.53 -26.31 -14.51
CA ASN A 269 9.97 -26.25 -13.11
C ASN A 269 8.84 -25.75 -12.22
N ILE A 270 8.06 -24.79 -12.73
CA ILE A 270 6.92 -24.25 -11.98
C ILE A 270 5.76 -25.22 -12.03
N GLU A 271 5.42 -25.70 -13.23
CA GLU A 271 4.20 -26.51 -13.37
C GLU A 271 4.29 -27.82 -12.58
N LYS A 272 5.47 -28.44 -12.52
CA LYS A 272 5.58 -29.67 -11.74
C LYS A 272 5.32 -29.42 -10.26
N GLN A 273 5.72 -28.26 -9.76
CA GLN A 273 5.43 -27.93 -8.36
C GLN A 273 3.94 -27.70 -8.16
N LEU A 274 3.26 -27.10 -9.15
CA LEU A 274 1.82 -26.93 -9.05
C LEU A 274 1.10 -28.27 -9.09
N GLN A 275 1.53 -29.19 -9.96
CA GLN A 275 0.95 -30.53 -9.95
C GLN A 275 1.10 -31.17 -8.59
N SER A 276 2.29 -31.02 -8.00
CA SER A 276 2.55 -31.57 -6.68
C SER A 276 1.64 -30.97 -5.61
N MET A 277 1.60 -29.63 -5.53
CA MET A 277 0.85 -28.96 -4.47
C MET A 277 -0.65 -29.22 -4.57
N PHE A 278 -1.18 -29.29 -5.79
CA PHE A 278 -2.62 -29.37 -5.95
C PHE A 278 -3.11 -30.79 -6.23
N GLY A 279 -2.35 -31.80 -5.82
CA GLY A 279 -2.83 -33.16 -5.71
C GLY A 279 -2.78 -33.98 -6.99
N GLN A 280 -2.18 -33.44 -8.05
CA GLN A 280 -2.22 -34.09 -9.36
C GLN A 280 -1.12 -35.14 -9.55
N LEU A 281 -0.16 -35.25 -8.63
CA LEU A 281 0.91 -36.26 -8.74
C LEU A 281 0.66 -37.48 -7.87
N ASP A 282 0.11 -37.31 -6.67
CA ASP A 282 -0.12 -38.47 -5.82
C ASP A 282 -1.47 -38.41 -5.12
N GLY A 283 -2.37 -37.53 -5.57
CA GLY A 283 -3.69 -37.42 -4.99
C GLY A 283 -3.76 -36.65 -3.69
N LYS A 284 -2.64 -36.10 -3.22
CA LYS A 284 -2.57 -35.43 -1.92
C LYS A 284 -2.24 -33.96 -2.12
N HIS A 285 -2.92 -33.09 -1.38
CA HIS A 285 -2.68 -31.66 -1.47
C HIS A 285 -1.67 -31.18 -0.43
N ASP A 286 -0.97 -30.10 -0.77
CA ASP A 286 -0.13 -29.35 0.15
C ASP A 286 -0.91 -28.98 1.41
N LEU A 287 -0.30 -29.25 2.57
CA LEU A 287 -0.94 -28.87 3.85
C LEU A 287 -1.19 -27.37 3.94
N LEU A 288 -0.38 -26.55 3.28
CA LEU A 288 -0.60 -25.10 3.33
C LEU A 288 -1.97 -24.73 2.78
N LEU A 289 -2.52 -25.53 1.86
CA LEU A 289 -3.78 -25.19 1.22
C LEU A 289 -4.99 -25.37 2.14
N LYS A 290 -4.79 -25.91 3.35
CA LYS A 290 -5.85 -25.85 4.35
C LYS A 290 -6.09 -24.43 4.86
N TYR A 291 -5.12 -23.53 4.66
CA TYR A 291 -5.12 -22.23 5.32
C TYR A 291 -5.08 -21.06 4.34
N THR A 292 -4.99 -21.31 3.05
CA THR A 292 -4.92 -20.23 2.07
C THR A 292 -5.48 -20.75 0.75
N THR A 293 -5.98 -19.82 -0.07
CA THR A 293 -6.69 -20.18 -1.30
C THR A 293 -6.22 -19.29 -2.45
N PRO A 294 -5.84 -19.86 -3.59
CA PRO A 294 -5.49 -19.01 -4.74
C PRO A 294 -6.75 -18.52 -5.44
N VAL A 295 -6.76 -17.23 -5.79
CA VAL A 295 -7.94 -16.62 -6.41
C VAL A 295 -7.65 -15.97 -7.76
N THR A 296 -6.39 -15.88 -8.18
CA THR A 296 -6.03 -15.50 -9.55
C THR A 296 -4.90 -16.41 -10.00
N GLY A 297 -4.58 -16.36 -11.28
CA GLY A 297 -3.46 -17.12 -11.81
C GLY A 297 -3.16 -16.81 -13.26
N SER A 298 -1.89 -16.74 -13.64
CA SER A 298 -1.51 -16.47 -15.03
C SER A 298 -0.07 -16.96 -15.28
N PHE A 299 0.16 -17.45 -16.52
CA PHE A 299 1.50 -17.73 -17.04
C PHE A 299 1.87 -16.66 -18.04
N TYR A 300 3.13 -16.21 -17.99
CA TYR A 300 3.65 -15.27 -18.98
C TYR A 300 5.08 -15.63 -19.36
N PHE A 301 5.61 -14.93 -20.37
CA PHE A 301 7.04 -14.94 -20.65
C PHE A 301 7.58 -13.50 -20.67
N ALA A 302 8.64 -13.25 -19.89
CA ALA A 302 9.31 -11.97 -19.89
C ALA A 302 10.48 -12.04 -20.86
N PRO A 303 10.41 -11.39 -22.02
CA PRO A 303 11.52 -11.48 -22.98
C PRO A 303 12.79 -10.86 -22.39
N SER A 304 13.92 -11.24 -22.98
CA SER A 304 15.16 -10.50 -22.77
C SER A 304 14.95 -9.03 -23.14
N LYS A 305 15.84 -8.16 -22.64
CA LYS A 305 15.78 -6.75 -23.00
C LYS A 305 15.80 -6.57 -24.52
N LYS A 306 16.65 -7.33 -25.20
CA LYS A 306 16.77 -7.20 -26.64
C LYS A 306 15.47 -7.60 -27.34
N GLU A 307 14.93 -8.78 -27.00
CA GLU A 307 13.71 -9.22 -27.67
C GLU A 307 12.51 -8.36 -27.29
N LEU A 308 12.48 -7.81 -26.08
CA LEU A 308 11.42 -6.88 -25.70
C LEU A 308 11.37 -5.68 -26.64
N LEU A 309 12.53 -5.12 -26.98
CA LEU A 309 12.59 -3.96 -27.86
C LEU A 309 12.50 -4.32 -29.34
N GLU A 310 12.62 -5.60 -29.68
CA GLU A 310 12.60 -6.05 -31.07
C GLU A 310 11.27 -6.69 -31.47
N LEU A 311 10.27 -6.67 -30.59
CA LEU A 311 8.98 -7.31 -30.87
C LEU A 311 8.38 -6.88 -32.22
N SER B 5 4.83 16.27 30.08
CA SER B 5 5.08 17.29 29.07
C SER B 5 5.33 16.67 27.69
N MET B 6 4.61 15.60 27.36
CA MET B 6 4.84 14.88 26.12
C MET B 6 3.54 14.67 25.38
N ALA B 7 3.54 14.96 24.09
CA ALA B 7 2.41 14.68 23.24
C ALA B 7 2.53 13.26 22.68
N GLN B 8 1.43 12.76 22.12
CA GLN B 8 1.57 11.57 21.30
C GLN B 8 2.39 11.93 20.06
N SER B 9 2.87 10.92 19.34
CA SER B 9 4.05 11.11 18.48
C SER B 9 3.72 11.25 16.98
N THR B 10 2.52 11.71 16.62
CA THR B 10 2.19 11.98 15.23
C THR B 10 2.08 13.45 14.87
N VAL B 11 2.17 14.36 15.84
CA VAL B 11 1.94 15.77 15.52
C VAL B 11 3.23 16.48 15.11
N LEU B 12 4.27 16.41 15.96
CA LEU B 12 5.48 17.19 15.73
C LEU B 12 6.37 16.72 14.56
N PRO B 13 6.58 15.41 14.34
CA PRO B 13 7.49 15.00 13.27
C PRO B 13 6.95 15.30 11.88
N MET B 14 7.88 15.55 10.95
CA MET B 14 7.51 15.90 9.59
C MET B 14 7.99 14.85 8.58
N HIS B 15 7.33 14.86 7.41
CA HIS B 15 7.80 14.19 6.19
C HIS B 15 7.79 12.66 6.29
N CYS B 16 6.86 12.08 7.04
CA CYS B 16 6.68 10.63 7.04
C CYS B 16 6.46 10.10 5.63
N LEU B 17 6.93 8.89 5.37
CA LEU B 17 6.75 8.30 4.06
C LEU B 17 5.54 7.37 3.96
N TYR B 18 5.04 6.88 5.10
CA TYR B 18 3.91 5.95 5.15
C TYR B 18 3.01 6.36 6.31
N GLY B 19 1.71 6.09 6.16
CA GLY B 19 0.80 6.31 7.27
C GLY B 19 -0.32 5.30 7.20
N ILE B 20 -0.71 4.69 8.31
CA ILE B 20 -1.87 3.80 8.33
C ILE B 20 -2.93 4.44 9.21
N PHE B 21 -4.17 4.48 8.71
CA PHE B 21 -5.29 5.14 9.36
C PHE B 21 -6.36 4.09 9.63
N LEU B 22 -6.69 3.88 10.91
CA LEU B 22 -7.71 2.91 11.31
C LEU B 22 -8.78 3.69 12.04
N GLU B 23 -10.01 3.68 11.53
CA GLU B 23 -11.10 4.43 12.16
C GLU B 23 -12.28 3.51 12.39
N GLY B 24 -12.88 3.58 13.57
CA GLY B 24 -13.98 2.68 13.84
C GLY B 24 -14.60 2.93 15.20
N ASN B 25 -15.47 2.01 15.61
CA ASN B 25 -16.29 2.23 16.78
C ASN B 25 -15.92 1.27 17.90
N LEU B 26 -16.14 1.74 19.14
CA LEU B 26 -15.85 0.96 20.33
C LEU B 26 -17.04 0.07 20.65
N LYS B 27 -16.78 -1.23 20.78
CA LYS B 27 -17.86 -2.18 21.05
C LYS B 27 -18.07 -2.43 22.55
N ILE B 28 -17.22 -1.90 23.41
CA ILE B 28 -17.35 -2.06 24.85
C ILE B 28 -18.40 -1.10 25.37
N GLN B 29 -19.28 -1.59 26.24
CA GLN B 29 -20.35 -0.76 26.78
C GLN B 29 -19.88 0.00 28.02
N LYS B 30 -20.59 1.10 28.30
CA LYS B 30 -20.17 2.02 29.36
C LYS B 30 -20.07 1.32 30.72
N ASN B 31 -20.89 0.30 30.96
CA ASN B 31 -20.94 -0.35 32.27
C ASN B 31 -19.94 -1.49 32.40
N ASP B 32 -19.34 -1.95 31.30
CA ASP B 32 -18.52 -3.16 31.27
C ASP B 32 -17.11 -2.83 31.78
N GLN B 33 -16.96 -2.85 33.11
CA GLN B 33 -15.72 -2.37 33.69
C GLN B 33 -14.55 -3.31 33.42
N GLU B 34 -14.80 -4.61 33.31
CA GLU B 34 -13.73 -5.53 32.93
C GLU B 34 -13.32 -5.33 31.47
N GLY B 35 -14.29 -5.08 30.60
CA GLY B 35 -13.97 -4.82 29.20
C GLY B 35 -13.19 -3.52 29.04
N LEU B 36 -13.58 -2.48 29.78
CA LEU B 36 -12.85 -1.22 29.69
C LEU B 36 -11.44 -1.36 30.25
N LYS B 37 -11.25 -2.19 31.28
CA LYS B 37 -9.91 -2.44 31.79
C LYS B 37 -9.04 -3.09 30.73
N LYS B 38 -9.59 -4.07 30.01
CA LYS B 38 -8.81 -4.70 28.95
C LYS B 38 -8.54 -3.73 27.80
N PHE B 39 -9.52 -2.89 27.49
CA PHE B 39 -9.32 -1.86 26.47
C PHE B 39 -8.15 -0.95 26.84
N LYS B 40 -8.09 -0.52 28.10
CA LYS B 40 -7.01 0.36 28.52
C LYS B 40 -5.67 -0.38 28.58
N ASP B 41 -5.67 -1.68 28.88
CA ASP B 41 -4.42 -2.43 28.82
CA ASP B 41 -4.44 -2.47 28.81
C ASP B 41 -3.88 -2.50 27.39
N ASN B 42 -4.78 -2.62 26.40
CA ASN B 42 -4.33 -2.61 25.00
C ASN B 42 -3.81 -1.24 24.59
N ILE B 43 -4.37 -0.16 25.15
CA ILE B 43 -3.81 1.18 24.92
C ILE B 43 -2.38 1.24 25.44
N LYS B 44 -2.15 0.73 26.66
CA LYS B 44 -0.81 0.72 27.20
C LYS B 44 0.14 -0.10 26.32
N LYS B 45 -0.33 -1.23 25.80
CA LYS B 45 0.51 -2.06 24.92
C LYS B 45 0.91 -1.30 23.67
N PHE B 46 0.00 -0.47 23.14
CA PHE B 46 0.31 0.37 21.98
C PHE B 46 1.46 1.32 22.30
N THR B 47 1.37 2.02 23.43
CA THR B 47 2.43 2.96 23.76
C THR B 47 3.75 2.24 23.98
N LEU B 48 3.71 1.03 24.55
CA LEU B 48 4.94 0.28 24.78
C LEU B 48 5.54 -0.22 23.47
N GLU B 49 4.69 -0.65 22.53
CA GLU B 49 5.23 -1.17 21.27
C GLU B 49 5.78 -0.05 20.39
N LEU B 50 5.20 1.17 20.45
CA LEU B 50 5.83 2.32 19.81
C LEU B 50 7.26 2.49 20.27
N ASP B 51 7.47 2.45 21.61
CA ASP B 51 8.82 2.61 22.14
C ASP B 51 9.73 1.49 21.66
N GLU B 52 9.23 0.25 21.62
CA GLU B 52 10.07 -0.88 21.24
C GLU B 52 10.48 -0.77 19.78
N ILE B 53 9.56 -0.37 18.90
CA ILE B 53 9.90 -0.22 17.49
C ILE B 53 10.88 0.94 17.30
N ASP B 54 10.70 2.02 18.05
CA ASP B 54 11.63 3.15 17.96
C ASP B 54 13.05 2.71 18.35
N LYS B 55 13.15 1.84 19.37
CA LYS B 55 14.45 1.32 19.77
C LYS B 55 15.10 0.44 18.72
N ILE B 56 14.32 -0.46 18.09
CA ILE B 56 14.89 -1.44 17.18
C ILE B 56 15.06 -0.89 15.77
N SER B 57 14.26 0.10 15.39
CA SER B 57 14.28 0.64 14.03
C SER B 57 14.23 2.17 14.09
N PRO B 58 15.30 2.80 14.56
CA PRO B 58 15.31 4.27 14.61
C PRO B 58 15.15 4.89 13.23
N GLN B 59 15.58 4.19 12.17
CA GLN B 59 15.41 4.69 10.82
C GLN B 59 13.94 4.81 10.41
N SER B 60 13.03 4.11 11.10
CA SER B 60 11.62 4.23 10.78
C SER B 60 11.03 5.57 11.18
N ARG B 61 11.62 6.26 12.16
CA ARG B 61 11.02 7.48 12.73
C ARG B 61 9.54 7.22 13.06
N ILE B 62 9.29 6.11 13.77
CA ILE B 62 7.92 5.66 14.02
C ILE B 62 7.17 6.69 14.86
N GLY B 63 5.86 6.79 14.62
CA GLY B 63 4.99 7.62 15.46
C GLY B 63 3.60 7.01 15.47
N GLY B 64 2.86 7.29 16.54
CA GLY B 64 1.50 6.76 16.65
C GLY B 64 0.66 7.56 17.61
N ALA B 65 -0.66 7.56 17.36
CA ALA B 65 -1.59 8.22 18.27
C ALA B 65 -2.91 7.48 18.29
N ILE B 66 -3.55 7.42 19.46
CA ILE B 66 -4.92 6.96 19.61
C ILE B 66 -5.77 8.17 20.02
N CYS B 67 -6.90 8.36 19.34
CA CYS B 67 -7.71 9.57 19.44
C CYS B 67 -9.18 9.20 19.65
N PHE B 68 -9.92 10.05 20.36
CA PHE B 68 -11.28 9.71 20.80
C PHE B 68 -12.28 10.78 20.41
N SER B 69 -13.50 10.35 20.06
CA SER B 69 -14.56 11.28 19.72
C SER B 69 -15.26 11.83 20.98
N SER B 70 -16.02 12.91 20.79
CA SER B 70 -16.79 13.45 21.91
C SER B 70 -17.92 12.50 22.32
N ASP B 71 -18.47 11.73 21.38
CA ASP B 71 -19.54 10.79 21.71
C ASP B 71 -19.06 9.67 22.62
N ILE B 72 -17.80 9.24 22.47
CA ILE B 72 -17.29 8.10 23.25
C ILE B 72 -16.53 8.54 24.49
N TRP B 73 -16.26 9.84 24.65
CA TRP B 73 -15.35 10.31 25.70
C TRP B 73 -15.74 9.81 27.08
N ASP B 74 -17.01 9.97 27.48
CA ASP B 74 -17.45 9.58 28.81
CA ASP B 74 -17.41 9.57 28.82
C ASP B 74 -17.60 8.07 28.97
N THR B 75 -17.52 7.31 27.88
CA THR B 75 -17.45 5.85 28.00
C THR B 75 -16.04 5.42 28.38
N VAL B 76 -15.02 6.06 27.80
CA VAL B 76 -13.65 5.63 28.05
CA VAL B 76 -13.64 5.66 28.02
C VAL B 76 -13.04 6.27 29.30
N THR B 77 -13.57 7.40 29.76
CA THR B 77 -13.00 7.97 30.98
C THR B 77 -14.06 8.63 31.85
N LYS B 78 -13.92 8.42 33.16
CA LYS B 78 -14.63 9.19 34.17
C LYS B 78 -13.76 10.25 34.82
N LYS B 79 -12.46 10.27 34.49
CA LYS B 79 -11.46 11.07 35.21
C LYS B 79 -10.96 12.28 34.45
N ILE B 80 -10.74 12.17 33.14
CA ILE B 80 -10.18 13.26 32.34
C ILE B 80 -11.32 14.10 31.80
N SER B 81 -11.21 15.43 31.96
CA SER B 81 -12.26 16.32 31.49
C SER B 81 -12.31 16.34 29.97
N LYS B 82 -13.53 16.42 29.43
CA LYS B 82 -13.72 16.43 27.98
C LYS B 82 -13.17 17.72 27.39
N PRO B 83 -12.36 17.66 26.34
CA PRO B 83 -11.87 18.89 25.70
C PRO B 83 -13.01 19.81 25.30
N LYS B 84 -12.86 21.10 25.61
CA LYS B 84 -14.02 21.99 25.63
C LYS B 84 -14.62 22.20 24.25
N GLU B 85 -13.83 22.07 23.19
CA GLU B 85 -14.34 22.29 21.84
C GLU B 85 -14.82 21.02 21.14
N LEU B 86 -14.57 19.84 21.70
CA LEU B 86 -14.82 18.62 20.97
C LEU B 86 -16.32 18.41 20.73
N LYS B 87 -16.66 18.01 19.52
CA LYS B 87 -18.03 17.73 19.11
C LYS B 87 -17.99 16.76 17.94
N SER B 88 -19.16 16.23 17.57
CA SER B 88 -19.22 15.31 16.44
C SER B 88 -19.18 16.10 15.13
N VAL B 89 -18.42 15.59 14.16
CA VAL B 89 -18.39 16.24 12.85
C VAL B 89 -19.72 16.11 12.12
N ASN B 90 -20.62 15.23 12.58
CA ASN B 90 -21.90 15.09 11.89
C ASN B 90 -22.75 16.34 12.04
N THR B 91 -22.42 17.21 13.00
CA THR B 91 -23.10 18.50 13.10
C THR B 91 -22.79 19.41 11.93
N LEU B 92 -21.85 19.04 11.06
CA LEU B 92 -21.54 19.80 9.85
C LEU B 92 -22.27 19.25 8.63
N SER B 93 -23.10 18.21 8.80
CA SER B 93 -23.66 17.49 7.66
C SER B 93 -24.61 18.34 6.82
N SER B 94 -25.11 19.45 7.37
CA SER B 94 -26.02 20.28 6.59
C SER B 94 -25.31 21.00 5.44
N TYR B 95 -23.99 21.12 5.50
CA TYR B 95 -23.25 21.81 4.45
C TYR B 95 -22.01 21.09 3.96
N MET B 96 -21.49 20.10 4.68
CA MET B 96 -20.29 19.40 4.25
C MET B 96 -20.63 17.93 3.98
N PRO B 97 -20.42 17.42 2.78
CA PRO B 97 -20.75 16.02 2.50
C PRO B 97 -19.76 15.06 3.14
N GLY B 98 -20.20 13.81 3.25
CA GLY B 98 -19.30 12.74 3.61
C GLY B 98 -19.02 12.56 5.08
N THR B 99 -19.73 13.24 5.98
CA THR B 99 -19.45 13.08 7.40
C THR B 99 -19.78 11.67 7.85
N SER B 100 -18.94 11.13 8.74
CA SER B 100 -19.08 9.75 9.19
C SER B 100 -18.43 9.56 10.55
N GLN B 101 -18.87 10.33 11.53
CA GLN B 101 -18.20 10.35 12.83
C GLN B 101 -18.05 8.94 13.43
N ARG B 102 -16.83 8.57 13.77
CA ARG B 102 -16.49 7.31 14.43
C ARG B 102 -15.98 7.56 15.84
N ASP B 103 -15.92 6.50 16.65
CA ASP B 103 -15.50 6.66 18.05
C ASP B 103 -13.98 6.87 18.17
N ILE B 104 -13.19 6.15 17.38
CA ILE B 104 -11.76 5.96 17.63
C ILE B 104 -10.98 6.09 16.34
N LEU B 105 -9.84 6.77 16.42
CA LEU B 105 -8.86 6.80 15.34
C LEU B 105 -7.53 6.29 15.88
N ILE B 106 -6.90 5.37 15.15
CA ILE B 106 -5.51 5.01 15.36
C ILE B 106 -4.73 5.45 14.11
N HIS B 107 -3.77 6.35 14.31
CA HIS B 107 -2.94 6.90 13.23
C HIS B 107 -1.50 6.52 13.51
N ILE B 108 -0.87 5.83 12.56
CA ILE B 108 0.51 5.35 12.70
C ILE B 108 1.31 5.88 11.51
N ILE B 109 2.49 6.46 11.78
CA ILE B 109 3.35 6.99 10.72
C ILE B 109 4.72 6.32 10.78
N SER B 110 5.38 6.21 9.62
CA SER B 110 6.70 5.58 9.57
C SER B 110 7.40 6.00 8.28
N ASP B 111 8.73 5.86 8.27
CA ASP B 111 9.46 5.94 7.01
C ASP B 111 9.66 4.58 6.36
N ARG B 112 9.12 3.51 6.94
CA ARG B 112 9.15 2.17 6.35
C ARG B 112 7.76 1.55 6.47
N MET B 113 7.27 0.95 5.39
CA MET B 113 5.98 0.26 5.49
C MET B 113 6.06 -0.94 6.43
N ASP B 114 7.21 -1.63 6.51
CA ASP B 114 7.20 -2.87 7.29
C ASP B 114 6.95 -2.59 8.77
N THR B 115 7.53 -1.51 9.32
CA THR B 115 7.27 -1.19 10.72
C THR B 115 5.92 -0.50 10.94
N CYS B 116 5.48 0.31 9.97
CA CYS B 116 4.12 0.85 9.99
C CYS B 116 3.10 -0.26 10.10
N PHE B 117 3.21 -1.24 9.21
CA PHE B 117 2.26 -2.36 9.18
C PHE B 117 2.39 -3.22 10.43
N LYS B 118 3.62 -3.48 10.89
CA LYS B 118 3.80 -4.28 12.10
C LYS B 118 3.05 -3.67 13.28
N LEU B 119 3.24 -2.37 13.53
CA LEU B 119 2.54 -1.76 14.65
C LEU B 119 1.03 -1.80 14.44
N ALA B 120 0.57 -1.51 13.22
CA ALA B 120 -0.88 -1.51 13.00
C ALA B 120 -1.45 -2.91 13.17
N GLN B 121 -0.76 -3.92 12.66
CA GLN B 121 -1.30 -5.27 12.74
C GLN B 121 -1.29 -5.78 14.18
N ASP B 122 -0.18 -5.58 14.89
CA ASP B 122 -0.10 -6.02 16.28
C ASP B 122 -1.17 -5.34 17.12
N THR B 123 -1.40 -4.04 16.87
CA THR B 123 -2.38 -3.28 17.64
C THR B 123 -3.79 -3.81 17.39
N MET B 124 -4.11 -4.09 16.12
CA MET B 124 -5.44 -4.63 15.82
C MET B 124 -5.61 -6.03 16.38
N ARG B 125 -4.54 -6.82 16.44
CA ARG B 125 -4.65 -8.14 17.05
C ARG B 125 -4.83 -8.06 18.57
N ASN B 126 -4.23 -7.05 19.22
CA ASN B 126 -4.43 -6.87 20.66
C ASN B 126 -5.86 -6.46 20.98
N PHE B 127 -6.37 -5.42 20.32
CA PHE B 127 -7.73 -4.97 20.58
C PHE B 127 -8.73 -6.03 20.12
N GLY B 128 -8.61 -6.49 18.89
CA GLY B 128 -9.46 -7.54 18.38
C GLY B 128 -10.84 -7.04 17.94
N GLU B 129 -11.53 -7.91 17.21
CA GLU B 129 -12.85 -7.59 16.67
C GLU B 129 -13.90 -7.42 17.74
N ASP B 130 -13.69 -7.96 18.95
CA ASP B 130 -14.69 -7.81 19.99
C ASP B 130 -14.62 -6.47 20.68
N GLN B 131 -13.54 -5.69 20.48
CA GLN B 131 -13.42 -4.37 21.06
C GLN B 131 -13.58 -3.26 20.04
N LEU B 132 -13.07 -3.44 18.82
CA LEU B 132 -13.06 -2.39 17.80
C LEU B 132 -13.76 -2.87 16.55
N ASP B 133 -14.71 -2.09 16.07
CA ASP B 133 -15.40 -2.35 14.81
C ASP B 133 -14.83 -1.35 13.79
N ILE B 134 -13.85 -1.79 13.02
CA ILE B 134 -13.13 -0.88 12.12
C ILE B 134 -13.97 -0.64 10.87
N LYS B 135 -14.23 0.64 10.60
CA LYS B 135 -15.01 1.06 9.43
C LYS B 135 -14.14 1.46 8.25
N GLN B 136 -12.89 1.82 8.49
CA GLN B 136 -12.01 2.26 7.42
C GLN B 136 -10.57 1.96 7.80
N GLU B 137 -9.83 1.33 6.89
CA GLU B 137 -8.39 1.13 7.02
C GLU B 137 -7.75 1.65 5.74
N ILE B 138 -6.90 2.69 5.85
CA ILE B 138 -6.27 3.32 4.70
C ILE B 138 -4.75 3.21 4.83
N HIS B 139 -4.10 2.77 3.76
CA HIS B 139 -2.64 2.72 3.68
C HIS B 139 -2.20 3.92 2.87
N GLY B 140 -1.70 4.96 3.55
CA GLY B 140 -1.23 6.14 2.84
C GLY B 140 0.26 6.03 2.54
N PHE B 141 0.69 6.68 1.46
CA PHE B 141 2.11 6.68 1.12
C PHE B 141 2.50 8.00 0.46
N ARG B 142 3.69 8.48 0.79
CA ARG B 142 4.21 9.69 0.16
C ARG B 142 4.63 9.39 -1.27
N ARG B 143 4.39 10.34 -2.17
CA ARG B 143 4.81 10.21 -3.55
C ARG B 143 6.09 11.03 -3.79
N VAL B 144 6.69 10.80 -4.96
CA VAL B 144 7.88 11.56 -5.35
C VAL B 144 7.57 13.05 -5.30
N GLU B 145 8.51 13.81 -4.72
CA GLU B 145 8.44 15.27 -4.53
C GLU B 145 7.29 15.69 -3.61
N GLU B 146 6.77 14.76 -2.81
CA GLU B 146 5.69 15.04 -1.86
C GLU B 146 4.44 15.61 -2.56
N ARG B 147 4.18 15.18 -3.79
CA ARG B 147 3.03 15.68 -4.53
C ARG B 147 1.77 14.85 -4.24
N ASP B 148 0.68 15.56 -4.02
CA ASP B 148 -0.67 14.99 -4.07
C ASP B 148 -0.95 14.46 -5.47
N LEU B 149 -1.95 13.58 -5.59
CA LEU B 149 -2.28 13.00 -6.89
C LEU B 149 -2.78 14.03 -7.92
N THR B 150 -3.13 15.26 -7.49
CA THR B 150 -3.28 16.37 -8.45
C THR B 150 -1.96 16.75 -9.10
N ASP B 151 -0.85 16.23 -8.57
CA ASP B 151 0.52 16.49 -8.97
C ASP B 151 1.01 17.88 -8.59
N PHE B 152 0.33 18.51 -7.64
CA PHE B 152 0.85 19.66 -6.92
C PHE B 152 1.53 19.20 -5.63
N ILE B 153 2.62 19.88 -5.27
CA ILE B 153 3.29 19.63 -3.99
C ILE B 153 2.33 19.96 -2.85
N ASP B 154 2.22 19.04 -1.88
CA ASP B 154 1.37 19.21 -0.71
C ASP B 154 2.27 19.36 0.51
N GLY B 155 2.21 20.51 1.17
CA GLY B 155 2.91 20.71 2.43
C GLY B 155 3.72 21.98 2.51
N THR B 156 3.77 22.76 1.42
CA THR B 156 4.64 23.93 1.34
C THR B 156 4.49 24.86 2.55
N GLU B 157 3.26 25.16 2.93
CA GLU B 157 3.01 26.11 4.02
C GLU B 157 2.65 25.42 5.33
N ASN B 158 2.84 24.11 5.44
CA ASN B 158 2.79 23.45 6.75
C ASN B 158 3.80 24.11 7.68
N PRO B 159 3.44 24.36 8.94
CA PRO B 159 4.42 24.89 9.90
C PRO B 159 5.61 23.96 10.06
N ASP B 160 6.82 24.54 10.18
CA ASP B 160 8.07 23.79 10.33
C ASP B 160 8.60 23.88 11.75
N GLY B 161 9.13 22.77 12.25
CA GLY B 161 9.89 22.78 13.48
C GLY B 161 9.03 22.60 14.72
N ASP B 162 9.68 22.15 15.79
CA ASP B 162 8.95 21.76 17.01
C ASP B 162 8.24 22.96 17.64
N GLU B 163 8.86 24.14 17.59
CA GLU B 163 8.27 25.31 18.24
C GLU B 163 6.94 25.70 17.60
N LEU B 164 6.94 25.93 16.28
CA LEU B 164 5.71 26.33 15.61
C LEU B 164 4.69 25.21 15.56
N ARG B 165 5.14 23.96 15.44
CA ARG B 165 4.16 22.87 15.40
C ARG B 165 3.58 22.61 16.78
N THR B 166 4.34 22.89 17.86
CA THR B 166 3.74 22.90 19.19
C THR B 166 2.73 24.02 19.33
N GLN B 167 3.07 25.22 18.84
CA GLN B 167 2.18 26.38 18.96
C GLN B 167 0.84 26.11 18.27
N TYR B 168 0.87 25.61 17.03
CA TYR B 168 -0.35 25.47 16.25
C TYR B 168 -0.97 24.10 16.34
N GLY B 169 -0.23 23.09 16.80
CA GLY B 169 -0.71 21.73 16.77
C GLY B 169 -1.17 21.15 18.09
N LEU B 170 -0.75 21.74 19.21
CA LEU B 170 -0.99 21.17 20.53
C LEU B 170 -1.66 22.19 21.46
N VAL B 171 -2.53 21.68 22.34
CA VAL B 171 -3.12 22.53 23.37
C VAL B 171 -2.02 23.13 24.25
N ALA B 172 -2.15 24.43 24.53
CA ALA B 172 -1.11 25.17 25.23
C ALA B 172 -0.84 24.65 26.64
N ALA B 173 0.42 24.70 27.04
CA ALA B 173 0.78 24.37 28.41
C ALA B 173 0.00 25.22 29.39
N GLY B 174 -0.39 24.62 30.51
CA GLY B 174 -1.19 25.31 31.50
C GLY B 174 -2.69 25.25 31.27
N GLN B 175 -3.14 24.83 30.10
CA GLN B 175 -4.55 24.71 29.81
C GLN B 175 -5.04 23.30 30.13
N PRO B 176 -6.34 23.13 30.35
CA PRO B 176 -6.90 21.77 30.45
C PRO B 176 -6.56 20.97 29.20
N ASN B 177 -6.18 19.71 29.40
CA ASN B 177 -5.81 18.79 28.32
C ASN B 177 -4.56 19.27 27.57
N GLU B 178 -3.67 19.99 28.25
CA GLU B 178 -2.42 20.47 27.65
C GLU B 178 -1.68 19.33 26.95
N PHE B 179 -1.10 19.64 25.79
CA PHE B 179 -0.29 18.77 24.96
C PHE B 179 -1.09 17.66 24.30
N GLY B 180 -2.43 17.72 24.34
CA GLY B 180 -3.24 16.97 23.41
C GLY B 180 -3.49 17.78 22.15
N SER B 181 -4.22 17.18 21.20
CA SER B 181 -4.48 17.82 19.92
C SER B 181 -5.87 17.50 19.42
N TYR B 182 -6.56 18.51 18.86
CA TYR B 182 -7.79 18.25 18.12
C TYR B 182 -7.43 17.68 16.75
N VAL B 183 -8.19 16.69 16.29
CA VAL B 183 -7.87 15.94 15.07
C VAL B 183 -9.07 15.93 14.13
N PHE B 184 -8.81 16.11 12.84
CA PHE B 184 -9.85 15.98 11.81
C PHE B 184 -9.33 15.06 10.72
N THR B 185 -10.11 14.03 10.38
CA THR B 185 -9.80 13.15 9.25
C THR B 185 -10.89 13.26 8.21
N GLN B 186 -10.50 13.11 6.94
CA GLN B 186 -11.45 13.25 5.84
C GLN B 186 -10.83 12.58 4.62
N ARG B 187 -11.43 11.47 4.15
CA ARG B 187 -10.90 10.82 2.97
C ARG B 187 -11.52 11.44 1.71
N TYR B 188 -10.67 11.86 0.78
CA TYR B 188 -11.08 12.41 -0.51
C TYR B 188 -10.88 11.39 -1.62
N VAL B 189 -11.84 11.37 -2.56
CA VAL B 189 -11.71 10.59 -3.79
C VAL B 189 -11.56 11.58 -4.94
N HIS B 190 -10.42 11.52 -5.62
CA HIS B 190 -10.08 12.46 -6.69
C HIS B 190 -10.71 12.01 -8.00
N ASN B 191 -11.21 12.97 -8.78
CA ASN B 191 -11.69 12.71 -10.13
C ASN B 191 -10.59 13.13 -11.10
N LEU B 192 -9.61 12.25 -11.29
CA LEU B 192 -8.47 12.65 -12.10
C LEU B 192 -8.78 12.63 -13.59
N LYS B 193 -9.75 11.83 -14.04
CA LYS B 193 -10.19 11.93 -15.43
C LYS B 193 -10.67 13.34 -15.75
N LYS B 194 -11.26 14.03 -14.77
CA LYS B 194 -11.71 15.41 -14.96
C LYS B 194 -10.57 16.41 -14.82
N TRP B 195 -9.61 16.14 -13.92
CA TRP B 195 -8.55 17.09 -13.59
C TRP B 195 -7.42 17.09 -14.63
N TYR B 196 -6.98 15.91 -15.04
CA TYR B 196 -5.84 15.81 -15.95
C TYR B 196 -5.96 16.65 -17.22
N PRO B 197 -7.11 16.71 -17.90
CA PRO B 197 -7.18 17.50 -19.13
C PRO B 197 -7.22 19.01 -18.91
N GLU B 198 -7.35 19.49 -17.68
CA GLU B 198 -7.50 20.92 -17.48
C GLU B 198 -6.22 21.64 -17.86
N PRO B 199 -6.32 22.79 -18.51
CA PRO B 199 -5.13 23.60 -18.79
C PRO B 199 -4.38 23.93 -17.51
N LEU B 200 -3.07 24.13 -17.64
CA LEU B 200 -2.26 24.50 -16.47
C LEU B 200 -2.81 25.75 -15.76
N SER B 201 -3.28 26.74 -16.53
CA SER B 201 -3.80 27.96 -15.92
CA SER B 201 -3.80 27.96 -15.92
C SER B 201 -4.99 27.67 -15.02
N VAL B 202 -5.86 26.74 -15.45
CA VAL B 202 -7.01 26.34 -14.63
C VAL B 202 -6.55 25.62 -13.37
N GLN B 203 -5.60 24.69 -13.50
CA GLN B 203 -5.11 23.98 -12.32
C GLN B 203 -4.47 24.93 -11.31
N GLN B 204 -3.68 25.89 -11.78
CA GLN B 204 -3.02 26.82 -10.87
C GLN B 204 -4.02 27.82 -10.27
N ASP B 205 -5.03 28.24 -11.04
CA ASP B 205 -6.11 29.04 -10.46
C ASP B 205 -6.84 28.28 -9.35
N THR B 206 -6.98 26.97 -9.53
CA THR B 206 -7.73 26.14 -8.58
C THR B 206 -6.99 26.01 -7.26
N VAL B 207 -5.69 25.74 -7.31
CA VAL B 207 -4.91 25.53 -6.09
C VAL B 207 -4.47 26.87 -5.49
N GLY B 208 -3.96 27.76 -6.33
CA GLY B 208 -3.42 29.04 -5.88
C GLY B 208 -1.92 29.13 -5.80
N ARG B 209 -1.19 28.11 -6.27
CA ARG B 209 0.26 28.10 -6.33
C ARG B 209 0.66 27.52 -7.68
N THR B 210 1.92 27.72 -8.07
CA THR B 210 2.37 27.13 -9.32
C THR B 210 2.60 25.63 -9.16
N LYS B 211 2.37 24.90 -10.24
CA LYS B 211 2.46 23.45 -10.19
C LYS B 211 3.90 22.97 -10.05
N LYS B 212 4.82 23.55 -10.84
CA LYS B 212 6.19 23.05 -10.86
C LYS B 212 6.89 23.25 -9.52
N ASP B 213 6.86 24.47 -8.97
CA ASP B 213 7.66 24.80 -7.78
C ASP B 213 6.86 25.22 -6.56
N SER B 214 5.53 25.21 -6.62
CA SER B 214 4.67 25.63 -5.51
C SER B 214 5.00 27.05 -5.06
N ILE B 215 5.19 27.95 -6.02
CA ILE B 215 5.32 29.36 -5.73
C ILE B 215 3.91 29.95 -5.62
N GLU B 216 3.69 30.73 -4.57
CA GLU B 216 2.36 31.32 -4.37
C GLU B 216 1.99 32.24 -5.54
N ILE B 217 0.79 32.06 -6.08
CA ILE B 217 0.24 33.03 -7.03
C ILE B 217 -0.12 34.31 -6.27
N PRO B 218 0.30 35.49 -6.72
CA PRO B 218 -0.05 36.72 -5.99
C PRO B 218 -1.55 36.81 -5.74
N ARG B 219 -1.90 37.25 -4.52
CA ARG B 219 -3.30 37.26 -4.07
C ARG B 219 -4.22 37.97 -5.05
N ASP B 220 -3.74 39.07 -5.64
CA ASP B 220 -4.51 39.90 -6.56
C ASP B 220 -4.75 39.23 -7.90
N LYS B 221 -4.02 38.16 -8.20
CA LYS B 221 -4.13 37.45 -9.46
C LYS B 221 -4.75 36.08 -9.32
N ARG B 222 -5.13 35.69 -8.11
CA ARG B 222 -5.72 34.36 -8.00
C ARG B 222 -7.13 34.46 -7.44
N PRO B 223 -8.02 33.55 -7.83
CA PRO B 223 -9.41 33.61 -7.38
C PRO B 223 -9.54 33.52 -5.87
N ILE B 224 -10.51 34.24 -5.31
CA ILE B 224 -10.80 34.19 -3.88
C ILE B 224 -11.28 32.80 -3.48
N THR B 225 -11.66 31.99 -4.46
CA THR B 225 -12.11 30.62 -4.25
C THR B 225 -10.99 29.60 -4.48
N SER B 226 -9.79 30.05 -4.81
CA SER B 226 -8.66 29.12 -4.89
C SER B 226 -8.45 28.47 -3.53
N HIS B 227 -7.88 27.26 -3.55
CA HIS B 227 -7.72 26.51 -2.32
C HIS B 227 -6.91 27.28 -1.28
N VAL B 228 -5.80 27.90 -1.69
CA VAL B 228 -4.99 28.66 -0.74
C VAL B 228 -5.76 29.84 -0.18
N SER B 229 -6.51 30.56 -1.04
CA SER B 229 -7.32 31.66 -0.54
C SER B 229 -8.38 31.18 0.45
N ARG B 230 -8.89 29.95 0.28
CA ARG B 230 -9.92 29.43 1.18
C ARG B 230 -9.35 29.01 2.53
N THR B 231 -8.10 28.58 2.59
CA THR B 231 -7.57 27.96 3.81
C THR B 231 -6.54 28.81 4.55
N ASP B 232 -6.00 29.86 3.94
CA ASP B 232 -5.05 30.75 4.61
C ASP B 232 -5.84 31.85 5.32
N LEU B 233 -6.27 31.53 6.55
CA LEU B 233 -7.22 32.37 7.27
C LEU B 233 -6.58 32.95 8.53
N SER B 234 -7.10 34.12 8.93
CA SER B 234 -6.64 34.76 10.16
C SER B 234 -7.82 35.36 10.91
N GLU B 235 -7.61 35.59 12.21
CA GLU B 235 -8.60 36.21 13.08
C GLU B 235 -7.86 37.11 14.06
N ASN B 236 -8.26 38.38 14.11
CA ASN B 236 -7.65 39.35 15.03
C ASN B 236 -6.13 39.37 14.87
N GLY B 237 -5.68 39.37 13.61
CA GLY B 237 -4.26 39.42 13.30
C GLY B 237 -3.48 38.14 13.55
N LYS B 238 -4.14 37.06 13.96
CA LYS B 238 -3.49 35.79 14.26
C LYS B 238 -3.89 34.76 13.21
N ASP B 239 -2.90 34.06 12.64
CA ASP B 239 -3.19 33.07 11.62
C ASP B 239 -3.77 31.79 12.26
N LEU B 240 -4.78 31.23 11.60
CA LEU B 240 -5.40 29.99 12.06
C LEU B 240 -4.71 28.77 11.43
N LYS B 241 -3.42 28.63 11.74
CA LYS B 241 -2.64 27.55 11.13
C LYS B 241 -2.97 26.21 11.77
N ILE B 242 -2.74 25.14 11.00
CA ILE B 242 -2.95 23.76 11.45
C ILE B 242 -1.75 22.93 11.01
N VAL B 243 -1.65 21.72 11.58
CA VAL B 243 -0.56 20.80 11.26
C VAL B 243 -1.15 19.64 10.46
N ARG B 244 -0.84 19.60 9.16
CA ARG B 244 -1.39 18.55 8.30
C ARG B 244 -0.43 17.37 8.19
N GLN B 245 -0.98 16.15 8.23
CA GLN B 245 -0.20 14.92 8.03
C GLN B 245 -0.79 14.06 6.92
N SER B 246 -1.49 14.70 5.96
CA SER B 246 -2.20 13.97 4.91
C SER B 246 -1.25 13.21 3.98
N LEU B 247 -1.74 12.11 3.42
CA LEU B 247 -0.98 11.30 2.48
C LEU B 247 -1.86 10.82 1.34
N PRO B 248 -1.31 10.72 0.12
CA PRO B 248 -1.99 9.99 -0.96
C PRO B 248 -2.32 8.55 -0.58
N TYR B 249 -3.32 8.00 -1.26
CA TYR B 249 -3.66 6.58 -1.13
C TYR B 249 -4.32 6.12 -2.42
N GLY B 250 -4.35 4.81 -2.64
CA GLY B 250 -5.30 4.23 -3.57
C GLY B 250 -4.63 3.53 -4.75
N GLN B 251 -5.48 3.17 -5.72
CA GLN B 251 -5.09 2.35 -6.87
C GLN B 251 -4.94 3.21 -8.12
N ILE B 252 -3.83 3.02 -8.84
CA ILE B 252 -3.62 3.71 -10.11
C ILE B 252 -4.81 3.50 -11.04
N THR B 253 -5.31 2.28 -11.09
CA THR B 253 -6.37 1.89 -12.01
C THR B 253 -7.74 1.82 -11.35
N GLY B 254 -7.88 2.43 -10.17
CA GLY B 254 -9.14 2.39 -9.43
C GLY B 254 -9.34 3.65 -8.64
N GLU B 255 -9.93 3.52 -7.44
CA GLU B 255 -10.22 4.68 -6.61
C GLU B 255 -8.96 5.16 -5.90
N LYS B 256 -8.71 6.47 -5.96
CA LYS B 256 -7.53 7.04 -5.32
C LYS B 256 -7.84 8.48 -4.91
N GLY B 257 -7.00 9.02 -4.03
CA GLY B 257 -7.19 10.40 -3.61
C GLY B 257 -6.22 10.81 -2.51
N LEU B 258 -6.71 11.61 -1.57
CA LEU B 258 -5.91 12.09 -0.45
C LEU B 258 -6.59 11.67 0.84
N MET B 259 -5.82 11.05 1.74
CA MET B 259 -6.32 10.82 3.09
C MET B 259 -5.92 12.04 3.91
N PHE B 260 -6.85 12.97 4.07
CA PHE B 260 -6.55 14.21 4.77
C PHE B 260 -6.60 14.00 6.28
N ILE B 261 -5.60 14.54 6.98
CA ILE B 261 -5.65 14.59 8.45
C ILE B 261 -4.97 15.87 8.92
N ALA B 262 -5.60 16.55 9.86
CA ALA B 262 -5.02 17.75 10.47
C ALA B 262 -5.06 17.63 11.98
N TYR B 263 -4.01 18.13 12.62
CA TYR B 263 -3.91 18.27 14.07
C TYR B 263 -3.89 19.75 14.41
N ALA B 264 -4.54 20.14 15.51
CA ALA B 264 -4.61 21.57 15.82
C ALA B 264 -4.75 21.79 17.33
N CYS B 265 -4.21 22.93 17.77
CA CYS B 265 -4.36 23.34 19.16
C CYS B 265 -5.79 23.69 19.52
N SER B 266 -6.62 24.02 18.52
CA SER B 266 -8.00 24.43 18.70
C SER B 266 -8.82 23.90 17.54
N LEU B 267 -9.96 23.27 17.83
CA LEU B 267 -10.81 22.76 16.75
C LEU B 267 -11.29 23.90 15.86
N HIS B 268 -11.42 25.10 16.41
CA HIS B 268 -11.87 26.25 15.63
C HIS B 268 -10.96 26.51 14.43
N ASN B 269 -9.65 26.31 14.57
CA ASN B 269 -8.74 26.54 13.45
C ASN B 269 -9.10 25.64 12.27
N ILE B 270 -9.51 24.41 12.56
CA ILE B 270 -9.91 23.50 11.49
C ILE B 270 -11.30 23.84 11.00
N GLU B 271 -12.23 24.05 11.92
CA GLU B 271 -13.63 24.22 11.53
C GLU B 271 -13.84 25.48 10.70
N LYS B 272 -13.08 26.55 10.97
CA LYS B 272 -13.27 27.77 10.20
C LYS B 272 -12.82 27.56 8.74
N GLN B 273 -11.77 26.77 8.53
CA GLN B 273 -11.36 26.42 7.17
C GLN B 273 -12.42 25.58 6.47
N LEU B 274 -13.06 24.65 7.19
CA LEU B 274 -14.13 23.88 6.59
C LEU B 274 -15.31 24.78 6.24
N GLN B 275 -15.68 25.71 7.12
CA GLN B 275 -16.72 26.67 6.76
C GLN B 275 -16.34 27.45 5.52
N SER B 276 -15.07 27.84 5.41
CA SER B 276 -14.61 28.58 4.25
C SER B 276 -14.72 27.74 2.98
N MET B 277 -14.19 26.52 3.01
CA MET B 277 -14.14 25.68 1.80
C MET B 277 -15.53 25.29 1.32
N PHE B 278 -16.46 25.05 2.26
CA PHE B 278 -17.74 24.46 1.91
C PHE B 278 -18.88 25.48 1.92
N GLY B 279 -18.55 26.76 1.80
CA GLY B 279 -19.52 27.79 1.45
C GLY B 279 -20.24 28.44 2.61
N GLN B 280 -19.86 28.16 3.86
CA GLN B 280 -20.59 28.72 4.99
C GLN B 280 -20.17 30.14 5.34
N LEU B 281 -18.96 30.56 4.97
CA LEU B 281 -18.51 31.90 5.33
C LEU B 281 -19.03 32.96 4.37
N ASP B 282 -18.97 32.72 3.06
CA ASP B 282 -19.36 33.74 2.12
C ASP B 282 -20.19 33.20 0.96
N GLY B 283 -20.75 32.00 1.09
CA GLY B 283 -21.53 31.39 0.05
C GLY B 283 -20.73 30.77 -1.08
N LYS B 284 -19.41 30.89 -1.08
CA LYS B 284 -18.57 30.43 -2.16
C LYS B 284 -17.79 29.18 -1.73
N HIS B 285 -17.58 28.28 -2.69
CA HIS B 285 -16.91 27.01 -2.45
C HIS B 285 -15.50 27.00 -3.02
N ASP B 286 -14.64 26.24 -2.36
CA ASP B 286 -13.30 25.92 -2.85
C ASP B 286 -13.37 25.35 -4.26
N LEU B 287 -12.59 25.93 -5.18
CA LEU B 287 -12.51 25.42 -6.55
C LEU B 287 -12.03 23.97 -6.60
N LEU B 288 -11.24 23.54 -5.62
CA LEU B 288 -10.74 22.17 -5.62
C LEU B 288 -11.87 21.16 -5.57
N LEU B 289 -13.01 21.55 -4.95
CA LEU B 289 -14.13 20.62 -4.81
C LEU B 289 -14.84 20.32 -6.13
N LYS B 290 -14.46 20.96 -7.23
CA LYS B 290 -14.95 20.51 -8.52
C LYS B 290 -14.25 19.24 -8.99
N TYR B 291 -13.12 18.87 -8.38
CA TYR B 291 -12.31 17.76 -8.86
C TYR B 291 -12.12 16.64 -7.85
N THR B 292 -12.62 16.79 -6.63
CA THR B 292 -12.43 15.79 -5.59
C THR B 292 -13.61 15.86 -4.64
N THR B 293 -13.90 14.75 -3.96
CA THR B 293 -15.09 14.63 -3.14
C THR B 293 -14.75 14.00 -1.80
N PRO B 294 -15.12 14.60 -0.68
CA PRO B 294 -14.90 13.94 0.62
C PRO B 294 -15.96 12.86 0.86
N VAL B 295 -15.53 11.68 1.29
CA VAL B 295 -16.43 10.55 1.47
C VAL B 295 -16.43 9.99 2.89
N THR B 296 -15.52 10.42 3.76
CA THR B 296 -15.57 10.14 5.19
C THR B 296 -15.27 11.45 5.92
N GLY B 297 -15.48 11.45 7.24
CA GLY B 297 -15.11 12.60 8.03
C GLY B 297 -15.30 12.33 9.51
N SER B 298 -14.37 12.78 10.36
CA SER B 298 -14.50 12.58 11.80
C SER B 298 -13.68 13.62 12.55
N PHE B 299 -14.18 14.04 13.71
CA PHE B 299 -13.42 14.85 14.68
C PHE B 299 -13.00 13.98 15.86
N TYR B 300 -11.77 14.16 16.33
CA TYR B 300 -11.29 13.44 17.51
C TYR B 300 -10.43 14.36 18.38
N PHE B 301 -10.07 13.86 19.56
CA PHE B 301 -9.03 14.49 20.36
C PHE B 301 -7.98 13.45 20.71
N ALA B 302 -6.71 13.77 20.42
CA ALA B 302 -5.59 12.92 20.78
C ALA B 302 -5.07 13.40 22.14
N PRO B 303 -5.27 12.67 23.22
CA PRO B 303 -4.78 13.16 24.51
C PRO B 303 -3.26 13.22 24.51
N SER B 304 -2.74 14.03 25.43
CA SER B 304 -1.34 13.92 25.80
C SER B 304 -1.02 12.48 26.21
N LYS B 305 0.26 12.14 26.17
CA LYS B 305 0.66 10.79 26.58
C LYS B 305 0.23 10.51 28.01
N LYS B 306 0.36 11.50 28.89
CA LYS B 306 -0.05 11.33 30.29
C LYS B 306 -1.54 11.05 30.39
N GLU B 307 -2.37 11.89 29.75
CA GLU B 307 -3.81 11.68 29.85
C GLU B 307 -4.24 10.42 29.12
N LEU B 308 -3.54 10.03 28.05
CA LEU B 308 -3.87 8.76 27.39
C LEU B 308 -3.76 7.58 28.36
N LEU B 309 -2.72 7.57 29.18
CA LEU B 309 -2.48 6.46 30.09
C LEU B 309 -3.27 6.59 31.39
N GLU B 310 -3.92 7.72 31.63
CA GLU B 310 -4.67 7.94 32.86
C GLU B 310 -6.18 8.00 32.62
N LEU B 311 -6.64 7.64 31.43
CA LEU B 311 -8.08 7.61 31.15
C LEU B 311 -8.86 6.84 32.21
#